data_7QSP
#
_entry.id   7QSP
#
_cell.length_a   41.690
_cell.length_b   41.970
_cell.length_c   132.200
_cell.angle_alpha   90.000
_cell.angle_beta   90.000
_cell.angle_gamma   90.000
#
_symmetry.space_group_name_H-M   'P 21 21 21'
#
loop_
_entity.id
_entity.type
_entity.pdbx_description
1 polymer 'Ribose ABC transporter, periplasmic ribose-binding protein'
2 non-polymer 1,2-ETHANEDIOL
3 water water
#
_entity_poly.entity_id   1
_entity_poly.type   'polypeptide(L)'
_entity_poly.pdbx_seq_one_letter_code
;MKEIPYAELLGILSAQPTWDRSNGFHSVVDQYPEFKMVAQQSAEFDRDTAYKVTEQILQAHPEIKAIWCGNDAMALGAMK
ACEAAGRTDIYIFGFDGAEDVINAIKEGKQIVATIMVGHNHNYYGGVLAGEYFVKFLKEKYPDGGHHHHHH
;
_entity_poly.pdbx_strand_id   A,B
#
loop_
_chem_comp.id
_chem_comp.type
_chem_comp.name
_chem_comp.formula
EDO non-polymer 1,2-ETHANEDIOL 'C2 H6 O2'
#
# COMPACT_ATOMS: atom_id res chain seq x y z
N LYS A 2 -1.75 5.82 -24.64
CA LYS A 2 -2.91 6.63 -24.18
C LYS A 2 -2.76 6.94 -22.71
N GLU A 3 -2.91 5.92 -21.88
CA GLU A 3 -2.83 6.13 -20.43
C GLU A 3 -1.38 6.23 -20.00
N ILE A 4 -1.18 6.96 -18.91
CA ILE A 4 0.14 7.17 -18.32
C ILE A 4 0.09 6.55 -16.92
N PRO A 5 0.48 5.28 -16.77
CA PRO A 5 0.49 4.67 -15.44
C PRO A 5 1.63 5.24 -14.62
N TYR A 6 1.38 5.37 -13.33
CA TYR A 6 2.41 5.87 -12.44
C TYR A 6 2.27 5.23 -11.07
N ALA A 7 3.33 5.39 -10.27
CA ALA A 7 3.33 4.94 -8.90
C ALA A 7 3.61 6.13 -8.01
N GLU A 8 3.12 6.06 -6.77
CA GLU A 8 3.36 7.09 -5.76
C GLU A 8 4.07 6.47 -4.57
N LEU A 9 5.18 7.10 -4.14
CA LEU A 9 5.82 6.77 -2.88
C LEU A 9 5.36 7.78 -1.83
N LEU A 10 4.67 7.28 -0.82
CA LEU A 10 4.16 8.10 0.27
C LEU A 10 5.25 8.23 1.33
N GLY A 11 5.16 9.34 2.08
CA GLY A 11 5.96 9.47 3.28
C GLY A 11 5.49 8.53 4.37
N ILE A 12 6.03 8.79 5.56
CA ILE A 12 5.63 8.06 6.76
C ILE A 12 4.15 8.23 6.97
N LEU A 13 3.42 7.12 7.11
CA LEU A 13 1.97 7.21 7.07
C LEU A 13 1.42 8.06 8.21
N SER A 14 2.07 8.03 9.37
CA SER A 14 1.57 8.73 10.55
C SER A 14 1.94 10.21 10.57
N ALA A 15 2.66 10.70 9.56
CA ALA A 15 3.17 12.07 9.53
C ALA A 15 2.27 12.92 8.64
N GLN A 16 1.73 14.00 9.19
CA GLN A 16 0.78 14.80 8.43
C GLN A 16 1.35 15.33 7.12
N PRO A 17 2.62 15.72 7.01
CA PRO A 17 3.14 16.15 5.70
C PRO A 17 2.95 15.13 4.59
N THR A 18 3.02 13.83 4.91
CA THR A 18 2.74 12.81 3.90
C THR A 18 1.43 13.09 3.18
N TRP A 19 0.39 13.38 3.95
CA TRP A 19 -0.97 13.49 3.43
C TRP A 19 -1.20 14.84 2.79
N ASP A 20 -0.65 15.91 3.37
CA ASP A 20 -0.77 17.23 2.76
C ASP A 20 -0.14 17.22 1.37
N ARG A 21 1.06 16.66 1.26
CA ARG A 21 1.73 16.58 -0.04
C ARG A 21 0.97 15.70 -1.02
N SER A 22 0.62 14.47 -0.60
CA SER A 22 -0.10 13.57 -1.50
C SER A 22 -1.46 14.12 -1.88
N ASN A 23 -2.19 14.67 -0.92
CA ASN A 23 -3.51 15.20 -1.23
C ASN A 23 -3.42 16.38 -2.20
N GLY A 24 -2.43 17.25 -2.03
CA GLY A 24 -2.28 18.35 -2.97
C GLY A 24 -1.95 17.84 -4.37
N PHE A 25 -1.02 16.90 -4.47
CA PHE A 25 -0.70 16.27 -5.75
C PHE A 25 -1.94 15.69 -6.40
N HIS A 26 -2.72 14.90 -5.66
CA HIS A 26 -3.87 14.23 -6.25
C HIS A 26 -5.00 15.18 -6.58
N SER A 27 -5.10 16.31 -5.87
CA SER A 27 -6.13 17.28 -6.20
C SER A 27 -6.02 17.74 -7.66
N VAL A 28 -4.82 17.67 -8.23
CA VAL A 28 -4.55 18.04 -9.61
C VAL A 28 -4.62 16.80 -10.49
N VAL A 29 -3.81 15.79 -10.18
CA VAL A 29 -3.60 14.66 -11.09
C VAL A 29 -4.88 13.88 -11.31
N ASP A 30 -5.68 13.72 -10.24
CA ASP A 30 -6.89 12.92 -10.35
C ASP A 30 -7.91 13.53 -11.31
N GLN A 31 -7.78 14.81 -11.66
CA GLN A 31 -8.69 15.40 -12.63
C GLN A 31 -8.39 14.96 -14.06
N TYR A 32 -7.26 14.32 -14.30
CA TYR A 32 -6.79 13.98 -15.64
C TYR A 32 -6.84 12.48 -15.80
N PRO A 33 -7.85 11.93 -16.47
CA PRO A 33 -8.09 10.48 -16.39
C PRO A 33 -7.04 9.63 -17.08
N GLU A 34 -6.22 10.20 -17.97
CA GLU A 34 -5.15 9.43 -18.61
C GLU A 34 -4.08 8.97 -17.62
N PHE A 35 -3.90 9.66 -16.51
CA PHE A 35 -2.97 9.24 -15.48
C PHE A 35 -3.64 8.21 -14.58
N LYS A 36 -2.97 7.07 -14.40
CA LYS A 36 -3.54 5.97 -13.62
C LYS A 36 -2.53 5.54 -12.56
N MET A 37 -2.90 5.70 -11.30
CA MET A 37 -2.02 5.29 -10.21
C MET A 37 -2.16 3.79 -10.01
N VAL A 38 -1.12 3.03 -10.40
CA VAL A 38 -1.21 1.58 -10.32
C VAL A 38 -0.57 1.01 -9.06
N ALA A 39 0.18 1.82 -8.31
CA ALA A 39 0.82 1.42 -7.07
C ALA A 39 1.00 2.66 -6.20
N GLN A 40 0.77 2.47 -4.91
CA GLN A 40 0.86 3.53 -3.91
C GLN A 40 1.33 2.86 -2.63
N GLN A 41 2.48 3.30 -2.11
CA GLN A 41 3.07 2.64 -0.96
C GLN A 41 4.00 3.60 -0.24
N SER A 42 4.02 3.51 1.07
CA SER A 42 4.96 4.30 1.85
C SER A 42 6.38 3.79 1.65
N ALA A 43 7.32 4.73 1.50
CA ALA A 43 8.75 4.44 1.61
C ALA A 43 9.37 5.26 2.75
N GLU A 44 8.54 5.70 3.70
CA GLU A 44 8.98 6.14 5.01
CA GLU A 44 8.99 6.13 5.02
C GLU A 44 9.89 7.36 4.96
N PHE A 45 9.74 8.19 3.93
CA PHE A 45 10.59 9.36 3.74
C PHE A 45 12.09 9.00 3.66
N ASP A 46 12.40 7.75 3.28
CA ASP A 46 13.75 7.18 3.40
C ASP A 46 14.27 6.68 2.07
N ARG A 47 15.52 7.02 1.78
CA ARG A 47 16.11 6.69 0.49
C ARG A 47 16.23 5.18 0.29
N ASP A 48 16.82 4.49 1.27
CA ASP A 48 17.06 3.05 1.08
C ASP A 48 15.76 2.27 1.11
N THR A 49 14.78 2.72 1.88
CA THR A 49 13.46 2.10 1.82
C THR A 49 12.85 2.29 0.44
N ALA A 50 12.96 3.49 -0.12
CA ALA A 50 12.41 3.75 -1.45
C ALA A 50 13.08 2.87 -2.49
N TYR A 51 14.38 2.62 -2.33
CA TYR A 51 15.07 1.77 -3.28
C TYR A 51 14.44 0.38 -3.30
N LYS A 52 14.25 -0.20 -2.13
CA LYS A 52 13.67 -1.54 -2.03
C LYS A 52 12.22 -1.57 -2.46
N VAL A 53 11.43 -0.57 -2.04
CA VAL A 53 10.02 -0.53 -2.42
C VAL A 53 9.88 -0.38 -3.93
N THR A 54 10.68 0.53 -4.52
CA THR A 54 10.61 0.72 -5.96
C THR A 54 11.05 -0.53 -6.72
N GLU A 55 12.11 -1.21 -6.27
CA GLU A 55 12.51 -2.45 -6.91
C GLU A 55 11.34 -3.42 -7.00
N GLN A 56 10.53 -3.50 -5.95
CA GLN A 56 9.38 -4.40 -5.97
C GLN A 56 8.29 -3.88 -6.89
N ILE A 57 8.00 -2.58 -6.85
CA ILE A 57 6.95 -2.03 -7.70
C ILE A 57 7.28 -2.21 -9.17
N LEU A 58 8.56 -2.05 -9.54
CA LEU A 58 8.92 -2.18 -10.95
C LEU A 58 8.64 -3.59 -11.45
N GLN A 59 8.71 -4.59 -10.58
CA GLN A 59 8.47 -5.94 -11.02
C GLN A 59 6.98 -6.27 -11.07
N ALA A 60 6.21 -5.72 -10.13
CA ALA A 60 4.76 -5.92 -10.13
C ALA A 60 4.07 -5.09 -11.19
N HIS A 61 4.64 -3.93 -11.56
CA HIS A 61 3.95 -2.94 -12.41
C HIS A 61 4.92 -2.36 -13.43
N PRO A 62 5.44 -3.18 -14.35
CA PRO A 62 6.35 -2.66 -15.38
C PRO A 62 5.72 -1.63 -16.29
N GLU A 63 4.39 -1.49 -16.27
CA GLU A 63 3.69 -0.50 -17.08
CA GLU A 63 3.70 -0.50 -17.09
C GLU A 63 3.99 0.94 -16.67
N ILE A 64 4.60 1.16 -15.50
CA ILE A 64 4.74 2.53 -14.99
CA ILE A 64 4.71 2.53 -15.02
C ILE A 64 5.65 3.34 -15.90
N LYS A 65 5.27 4.59 -16.14
CA LYS A 65 6.05 5.55 -16.88
C LYS A 65 6.60 6.68 -15.98
N ALA A 66 6.17 6.76 -14.72
CA ALA A 66 6.62 7.82 -13.83
C ALA A 66 6.37 7.39 -12.39
N ILE A 67 7.12 8.02 -11.49
CA ILE A 67 6.95 7.81 -10.05
C ILE A 67 6.96 9.19 -9.40
N TRP A 68 5.95 9.47 -8.60
CA TRP A 68 5.90 10.69 -7.80
CA TRP A 68 5.86 10.70 -7.80
C TRP A 68 6.17 10.36 -6.34
N CYS A 69 7.07 11.13 -5.73
CA CYS A 69 7.55 10.85 -4.38
C CYS A 69 7.30 12.01 -3.42
N GLY A 70 6.93 11.65 -2.20
CA GLY A 70 6.64 12.64 -1.18
C GLY A 70 7.82 13.38 -0.58
N ASN A 71 9.05 13.01 -0.89
CA ASN A 71 10.23 13.81 -0.54
C ASN A 71 11.39 13.47 -1.45
N ASP A 72 12.47 14.24 -1.32
CA ASP A 72 13.62 14.04 -2.18
C ASP A 72 14.29 12.71 -1.89
N ALA A 73 14.41 12.33 -0.61
CA ALA A 73 15.13 11.10 -0.29
C ALA A 73 14.50 9.91 -1.01
N MET A 74 13.17 9.87 -1.02
CA MET A 74 12.50 8.75 -1.69
C MET A 74 12.69 8.82 -3.21
N ALA A 75 12.65 10.00 -3.79
CA ALA A 75 12.90 10.13 -5.22
C ALA A 75 14.29 9.63 -5.57
N LEU A 76 15.29 9.93 -4.74
CA LEU A 76 16.65 9.48 -5.04
C LEU A 76 16.76 7.96 -4.96
N GLY A 77 16.11 7.34 -3.97
CA GLY A 77 16.09 5.89 -3.90
C GLY A 77 15.39 5.26 -5.09
N ALA A 78 14.25 5.84 -5.48
CA ALA A 78 13.52 5.35 -6.65
C ALA A 78 14.35 5.49 -7.91
N MET A 79 15.06 6.60 -8.07
CA MET A 79 15.89 6.79 -9.24
C MET A 79 16.97 5.73 -9.31
N LYS A 80 17.63 5.46 -8.19
CA LYS A 80 18.64 4.40 -8.16
C LYS A 80 18.05 3.04 -8.52
N ALA A 81 16.86 2.71 -7.98
CA ALA A 81 16.24 1.42 -8.29
C ALA A 81 15.93 1.31 -9.77
N CYS A 82 15.40 2.38 -10.36
CA CYS A 82 15.14 2.40 -11.79
C CYS A 82 16.41 2.18 -12.59
N GLU A 83 17.51 2.84 -12.22
CA GLU A 83 18.76 2.61 -12.92
C GLU A 83 19.18 1.16 -12.81
N ALA A 84 19.07 0.59 -11.61
CA ALA A 84 19.52 -0.78 -11.41
C ALA A 84 18.74 -1.77 -12.26
N ALA A 85 17.46 -1.48 -12.52
CA ALA A 85 16.63 -2.35 -13.34
C ALA A 85 16.71 -2.03 -14.83
N GLY A 86 17.54 -1.09 -15.23
CA GLY A 86 17.61 -0.71 -16.63
C GLY A 86 16.44 0.12 -17.10
N ARG A 87 15.62 0.63 -16.18
CA ARG A 87 14.43 1.39 -16.51
C ARG A 87 14.69 2.90 -16.44
N THR A 88 15.71 3.36 -17.18
CA THR A 88 16.04 4.77 -17.28
C THR A 88 15.00 5.57 -18.06
N ASP A 89 13.98 4.91 -18.60
CA ASP A 89 12.89 5.59 -19.30
C ASP A 89 11.89 6.21 -18.34
N ILE A 90 11.88 5.79 -17.07
CA ILE A 90 10.87 6.23 -16.11
C ILE A 90 11.26 7.59 -15.55
N TYR A 91 10.31 8.51 -15.52
CA TYR A 91 10.55 9.83 -14.95
C TYR A 91 10.23 9.87 -13.47
N ILE A 92 11.12 10.47 -12.70
CA ILE A 92 11.00 10.59 -11.24
C ILE A 92 10.68 12.03 -10.89
N PHE A 93 9.70 12.21 -10.00
CA PHE A 93 9.30 13.52 -9.51
C PHE A 93 9.19 13.49 -8.00
N GLY A 94 9.36 14.66 -7.38
CA GLY A 94 9.16 14.73 -5.94
C GLY A 94 8.91 16.14 -5.46
N PHE A 95 8.51 16.26 -4.19
N PHE A 95 8.43 16.18 -4.23
CA PHE A 95 8.45 17.56 -3.51
CA PHE A 95 8.33 17.38 -3.43
C PHE A 95 8.92 17.43 -2.07
C PHE A 95 9.75 17.85 -3.14
N ASP A 96 9.77 18.36 -1.60
N ASP A 96 10.14 17.88 -1.87
CA ASP A 96 10.41 18.19 -0.28
CA ASP A 96 11.43 18.41 -1.44
C ASP A 96 9.95 19.12 0.86
C ASP A 96 11.91 17.69 -0.17
N MET A 116 -8.21 18.81 8.19
CA MET A 116 -7.59 20.10 7.84
C MET A 116 -8.50 20.95 6.94
N VAL A 117 -9.25 21.87 7.57
CA VAL A 117 -10.23 22.67 6.83
C VAL A 117 -9.54 23.61 5.84
N GLY A 118 -8.52 24.33 6.30
CA GLY A 118 -7.69 25.12 5.40
C GLY A 118 -6.69 24.25 4.66
N HIS A 119 -5.80 24.92 3.93
CA HIS A 119 -4.70 24.27 3.26
C HIS A 119 -3.39 24.92 3.67
N ASN A 120 -2.33 24.12 3.70
N ASN A 120 -2.33 24.13 3.67
CA ASN A 120 -1.03 24.59 4.19
CA ASN A 120 -1.03 24.56 4.16
C ASN A 120 0.05 24.48 3.11
C ASN A 120 0.07 24.42 3.11
N HIS A 121 1.28 24.76 3.55
CA HIS A 121 2.42 24.82 2.65
C HIS A 121 2.67 23.52 1.92
N ASN A 122 2.61 22.40 2.64
CA ASN A 122 2.87 21.10 2.02
C ASN A 122 1.78 20.77 1.01
N TYR A 123 0.55 21.17 1.29
CA TYR A 123 -0.53 20.94 0.34
C TYR A 123 -0.31 21.74 -0.94
N TYR A 124 -0.03 23.03 -0.79
CA TYR A 124 0.18 23.85 -1.99
C TYR A 124 1.43 23.41 -2.76
N GLY A 125 2.45 22.93 -2.07
CA GLY A 125 3.59 22.34 -2.78
C GLY A 125 3.19 21.11 -3.58
N GLY A 126 2.32 20.27 -3.01
CA GLY A 126 1.80 19.14 -3.76
C GLY A 126 0.98 19.54 -4.97
N VAL A 127 0.14 20.58 -4.84
CA VAL A 127 -0.62 21.07 -5.98
C VAL A 127 0.32 21.47 -7.11
N LEU A 128 1.30 22.34 -6.79
CA LEU A 128 2.22 22.80 -7.82
C LEU A 128 2.99 21.63 -8.42
N ALA A 129 3.37 20.66 -7.59
CA ALA A 129 4.10 19.51 -8.12
C ALA A 129 3.20 18.69 -9.04
N GLY A 130 1.91 18.57 -8.71
CA GLY A 130 1.01 17.82 -9.55
C GLY A 130 0.75 18.51 -10.88
N GLU A 131 0.60 19.84 -10.85
CA GLU A 131 0.49 20.61 -12.10
C GLU A 131 1.71 20.35 -12.98
N TYR A 132 2.90 20.33 -12.39
CA TYR A 132 4.09 20.15 -13.19
C TYR A 132 4.18 18.72 -13.72
N PHE A 133 3.85 17.75 -12.88
CA PHE A 133 3.81 16.35 -13.28
C PHE A 133 2.93 16.17 -14.50
N VAL A 134 1.71 16.73 -14.44
CA VAL A 134 0.78 16.61 -15.56
C VAL A 134 1.34 17.31 -16.80
N LYS A 135 1.81 18.54 -16.64
CA LYS A 135 2.26 19.29 -17.79
C LYS A 135 3.43 18.58 -18.47
N PHE A 136 4.42 18.18 -17.66
CA PHE A 136 5.62 17.52 -18.16
C PHE A 136 5.26 16.23 -18.89
N LEU A 137 4.45 15.37 -18.25
CA LEU A 137 4.16 14.07 -18.83
C LEU A 137 3.24 14.17 -20.03
N LYS A 138 2.36 15.19 -20.07
CA LYS A 138 1.53 15.41 -21.25
C LYS A 138 2.34 15.92 -22.44
N GLU A 139 3.46 16.62 -22.18
CA GLU A 139 4.37 17.00 -23.26
C GLU A 139 5.19 15.82 -23.76
N LYS A 140 5.60 14.91 -22.86
CA LYS A 140 6.33 13.71 -23.25
C LYS A 140 5.42 12.70 -23.95
N TYR A 141 4.16 12.62 -23.53
CA TYR A 141 3.22 11.61 -24.03
C TYR A 141 1.93 12.30 -24.45
N PRO A 142 1.96 13.03 -25.56
CA PRO A 142 0.74 13.73 -26.01
C PRO A 142 -0.27 12.76 -26.61
N ASP A 143 -1.52 13.21 -26.68
CA ASP A 143 -2.59 12.42 -27.29
C ASP A 143 -2.51 12.48 -28.80
N LYS B 2 6.18 -25.85 4.45
CA LYS B 2 7.08 -24.93 5.21
C LYS B 2 6.45 -23.53 5.24
N GLU B 3 6.57 -22.81 4.11
CA GLU B 3 6.14 -21.41 4.08
C GLU B 3 4.63 -21.33 4.04
N ILE B 4 4.10 -20.33 4.75
CA ILE B 4 2.67 -20.02 4.72
C ILE B 4 2.48 -18.64 4.11
N PRO B 5 2.31 -18.53 2.80
CA PRO B 5 2.15 -17.20 2.19
CA PRO B 5 2.15 -17.20 2.18
C PRO B 5 0.79 -16.61 2.50
N TYR B 6 0.77 -15.30 2.75
CA TYR B 6 -0.50 -14.63 3.03
C TYR B 6 -0.49 -13.24 2.43
N ALA B 7 -1.67 -12.62 2.40
CA ALA B 7 -1.82 -11.24 1.98
C ALA B 7 -2.48 -10.48 3.11
N GLU B 8 -2.24 -9.16 3.13
CA GLU B 8 -2.90 -8.28 4.07
C GLU B 8 -3.64 -7.16 3.35
N LEU B 9 -4.87 -6.93 3.80
CA LEU B 9 -5.64 -5.78 3.35
C LEU B 9 -5.59 -4.71 4.43
N LEU B 10 -4.98 -3.59 4.09
CA LEU B 10 -4.85 -2.44 4.98
C LEU B 10 -6.12 -1.59 4.91
N GLY B 11 -6.43 -0.90 5.99
CA GLY B 11 -7.43 0.13 5.97
C GLY B 11 -6.96 1.36 5.19
N ILE B 12 -7.78 2.41 5.29
CA ILE B 12 -7.44 3.73 4.77
C ILE B 12 -6.05 4.15 5.24
N LEU B 13 -5.15 4.47 4.31
CA LEU B 13 -3.75 4.60 4.70
C LEU B 13 -3.50 5.79 5.63
N SER B 14 -4.36 6.82 5.58
CA SER B 14 -4.20 8.03 6.40
C SER B 14 -4.90 7.92 7.75
N ALA B 15 -5.50 6.79 8.06
CA ALA B 15 -6.30 6.64 9.27
C ALA B 15 -5.52 5.87 10.31
N GLN B 16 -5.41 6.42 11.51
CA GLN B 16 -4.60 5.77 12.54
C GLN B 16 -5.01 4.33 12.86
N PRO B 17 -6.30 3.97 12.90
CA PRO B 17 -6.65 2.56 13.11
C PRO B 17 -5.98 1.60 12.13
N THR B 18 -5.76 2.03 10.89
CA THR B 18 -5.06 1.19 9.93
C THR B 18 -3.69 0.80 10.43
N TRP B 19 -2.92 1.79 10.88
CA TRP B 19 -1.54 1.54 11.31
C TRP B 19 -1.54 0.71 12.58
N ASP B 20 -2.40 1.08 13.53
CA ASP B 20 -2.40 0.39 14.82
C ASP B 20 -2.79 -1.08 14.68
N ARG B 21 -3.85 -1.38 13.90
CA ARG B 21 -4.25 -2.78 13.72
C ARG B 21 -3.17 -3.58 13.02
N SER B 22 -2.60 -3.03 11.96
CA SER B 22 -1.59 -3.75 11.21
C SER B 22 -0.32 -3.92 12.04
N ASN B 23 0.11 -2.86 12.72
CA ASN B 23 1.33 -2.94 13.55
C ASN B 23 1.15 -3.97 14.66
N GLY B 24 -0.03 -4.02 15.30
CA GLY B 24 -0.26 -5.02 16.33
C GLY B 24 -0.20 -6.44 15.76
N PHE B 25 -0.87 -6.66 14.63
CA PHE B 25 -0.81 -7.94 13.94
C PHE B 25 0.64 -8.35 13.63
N HIS B 26 1.40 -7.45 13.02
CA HIS B 26 2.77 -7.77 12.61
C HIS B 26 3.69 -7.93 13.81
N SER B 27 3.41 -7.27 14.93
CA SER B 27 4.27 -7.45 16.10
C SER B 27 4.34 -8.93 16.51
N VAL B 28 3.29 -9.70 16.22
CA VAL B 28 3.21 -11.13 16.48
C VAL B 28 3.71 -11.91 15.27
N VAL B 29 3.08 -11.69 14.10
CA VAL B 29 3.30 -12.58 12.98
C VAL B 29 4.73 -12.50 12.48
N ASP B 30 5.34 -11.31 12.53
CA ASP B 30 6.69 -11.15 12.02
C ASP B 30 7.71 -11.95 12.84
N GLN B 31 7.34 -12.44 14.03
CA GLN B 31 8.21 -13.30 14.83
C GLN B 31 8.23 -14.74 14.36
N TYR B 32 7.38 -15.11 13.40
CA TYR B 32 7.26 -16.48 12.91
C TYR B 32 7.65 -16.50 11.44
N PRO B 33 8.91 -16.79 11.13
CA PRO B 33 9.40 -16.53 9.76
C PRO B 33 8.79 -17.42 8.71
N GLU B 34 8.12 -18.52 9.08
CA GLU B 34 7.41 -19.30 8.08
C GLU B 34 6.27 -18.53 7.41
N PHE B 35 5.73 -17.50 8.07
CA PHE B 35 4.68 -16.70 7.46
C PHE B 35 5.29 -15.64 6.55
N LYS B 36 4.86 -15.60 5.29
CA LYS B 36 5.48 -14.73 4.28
C LYS B 36 4.38 -13.84 3.71
N MET B 37 4.44 -12.54 4.00
CA MET B 37 3.48 -11.61 3.43
C MET B 37 3.87 -11.33 1.98
N VAL B 38 3.13 -11.90 1.03
CA VAL B 38 3.45 -11.76 -0.40
C VAL B 38 2.71 -10.59 -1.04
N ALA B 39 1.72 -10.02 -0.37
CA ALA B 39 0.99 -8.88 -0.89
C ALA B 39 0.41 -8.09 0.28
N GLN B 40 0.41 -6.77 0.15
CA GLN B 40 -0.11 -5.89 1.19
C GLN B 40 -0.63 -4.65 0.47
N GLN B 41 -1.91 -4.36 0.61
CA GLN B 41 -2.50 -3.27 -0.15
C GLN B 41 -3.69 -2.72 0.62
N SER B 42 -3.92 -1.40 0.54
CA SER B 42 -5.11 -0.84 1.13
C SER B 42 -6.36 -1.25 0.34
N ALA B 43 -7.41 -1.63 1.07
CA ALA B 43 -8.74 -1.76 0.51
C ALA B 43 -9.70 -0.74 1.14
N GLU B 44 -9.15 0.31 1.77
CA GLU B 44 -9.86 1.53 2.11
CA GLU B 44 -9.86 1.53 2.11
C GLU B 44 -11.03 1.28 3.06
N PHE B 45 -10.92 0.25 3.89
CA PHE B 45 -11.93 -0.15 4.85
C PHE B 45 -13.27 -0.45 4.19
N ASP B 46 -13.27 -0.81 2.91
CA ASP B 46 -14.47 -0.92 2.10
C ASP B 46 -14.62 -2.28 1.45
N ARG B 47 -15.86 -2.79 1.48
CA ARG B 47 -16.14 -4.13 0.96
C ARG B 47 -15.93 -4.21 -0.56
N ASP B 48 -16.42 -3.23 -1.31
CA ASP B 48 -16.32 -3.29 -2.78
C ASP B 48 -14.87 -3.12 -3.23
N THR B 49 -14.12 -2.23 -2.58
CA THR B 49 -12.70 -2.08 -2.88
C THR B 49 -11.94 -3.35 -2.53
N ALA B 50 -12.27 -3.96 -1.38
CA ALA B 50 -11.60 -5.21 -1.01
C ALA B 50 -11.86 -6.33 -2.03
N TYR B 51 -13.06 -6.40 -2.59
CA TYR B 51 -13.32 -7.38 -3.63
C TYR B 51 -12.37 -7.18 -4.81
N LYS B 52 -12.25 -5.93 -5.28
CA LYS B 52 -11.45 -5.62 -6.47
C LYS B 52 -9.98 -5.89 -6.20
N VAL B 53 -9.50 -5.42 -5.05
CA VAL B 53 -8.10 -5.63 -4.69
C VAL B 53 -7.81 -7.11 -4.52
N THR B 54 -8.70 -7.85 -3.85
CA THR B 54 -8.46 -9.29 -3.68
C THR B 54 -8.46 -10.03 -5.02
N GLU B 55 -9.36 -9.68 -5.92
CA GLU B 55 -9.38 -10.28 -7.25
C GLU B 55 -8.02 -10.15 -7.92
N GLN B 56 -7.38 -9.00 -7.77
CA GLN B 56 -6.06 -8.79 -8.37
C GLN B 56 -4.98 -9.57 -7.64
N ILE B 57 -5.01 -9.56 -6.31
CA ILE B 57 -4.04 -10.32 -5.52
C ILE B 57 -4.13 -11.81 -5.85
N LEU B 58 -5.35 -12.35 -6.00
CA LEU B 58 -5.48 -13.78 -6.30
C LEU B 58 -4.79 -14.14 -7.63
N GLN B 59 -4.84 -13.25 -8.60
CA GLN B 59 -4.22 -13.53 -9.89
C GLN B 59 -2.71 -13.40 -9.81
N ALA B 60 -2.20 -12.43 -9.07
CA ALA B 60 -0.76 -12.22 -8.98
C ALA B 60 -0.08 -13.17 -7.99
N HIS B 61 -0.80 -13.60 -6.96
CA HIS B 61 -0.23 -14.39 -5.88
C HIS B 61 -1.15 -15.55 -5.55
N PRO B 62 -1.32 -16.49 -6.49
CA PRO B 62 -2.28 -17.59 -6.27
C PRO B 62 -1.93 -18.48 -5.11
N GLU B 63 -0.68 -18.50 -4.68
CA GLU B 63 -0.20 -19.38 -3.63
C GLU B 63 -0.64 -18.96 -2.23
N ILE B 64 -1.28 -17.82 -2.08
CA ILE B 64 -1.71 -17.38 -0.76
CA ILE B 64 -1.68 -17.39 -0.74
C ILE B 64 -2.60 -18.43 -0.11
N LYS B 65 -2.41 -18.64 1.19
CA LYS B 65 -3.23 -19.52 1.98
C LYS B 65 -4.15 -18.78 2.93
N ALA B 66 -3.97 -17.47 3.09
CA ALA B 66 -4.76 -16.70 4.04
C ALA B 66 -4.70 -15.22 3.67
N ILE B 67 -5.71 -14.48 4.12
CA ILE B 67 -5.77 -13.03 3.98
C ILE B 67 -6.16 -12.45 5.33
N TRP B 68 -5.35 -11.52 5.84
CA TRP B 68 -5.68 -10.83 7.08
C TRP B 68 -6.15 -9.41 6.75
N CYS B 69 -7.28 -9.00 7.34
CA CYS B 69 -7.92 -7.77 6.95
C CYS B 69 -8.10 -6.82 8.12
N GLY B 70 -7.87 -5.54 7.84
CA GLY B 70 -7.96 -4.53 8.87
C GLY B 70 -9.34 -4.11 9.29
N ASN B 71 -10.41 -4.66 8.70
CA ASN B 71 -11.75 -4.52 9.25
C ASN B 71 -12.65 -5.59 8.67
N ASP B 72 -13.86 -5.69 9.20
CA ASP B 72 -14.79 -6.72 8.75
C ASP B 72 -15.24 -6.50 7.31
N ALA B 73 -15.49 -5.25 6.91
CA ALA B 73 -15.97 -5.01 5.55
C ALA B 73 -14.98 -5.53 4.51
N MET B 74 -13.68 -5.29 4.75
CA MET B 74 -12.68 -5.76 3.79
C MET B 74 -12.62 -7.28 3.78
N ALA B 75 -12.73 -7.91 4.94
CA ALA B 75 -12.80 -9.37 5.01
C ALA B 75 -13.99 -9.92 4.22
N LEU B 76 -15.16 -9.30 4.32
CA LEU B 76 -16.32 -9.77 3.57
C LEU B 76 -16.08 -9.65 2.06
N GLY B 77 -15.53 -8.52 1.62
CA GLY B 77 -15.21 -8.39 0.20
C GLY B 77 -14.16 -9.39 -0.25
N ALA B 78 -13.13 -9.60 0.56
CA ALA B 78 -12.10 -10.58 0.26
C ALA B 78 -12.72 -11.97 0.11
N MET B 79 -13.62 -12.33 1.03
CA MET B 79 -14.23 -13.65 0.99
CA MET B 79 -14.22 -13.65 1.00
C MET B 79 -15.05 -13.83 -0.26
N LYS B 80 -15.80 -12.79 -0.66
CA LYS B 80 -16.57 -12.82 -1.90
C LYS B 80 -15.65 -13.03 -3.10
N ALA B 81 -14.54 -12.29 -3.15
CA ALA B 81 -13.61 -12.44 -4.27
C ALA B 81 -13.01 -13.84 -4.29
N CYS B 82 -12.68 -14.39 -3.12
CA CYS B 82 -12.15 -15.75 -3.12
C CYS B 82 -13.17 -16.73 -3.66
N GLU B 83 -14.43 -16.59 -3.23
CA GLU B 83 -15.51 -17.45 -3.71
C GLU B 83 -15.68 -17.34 -5.21
N ALA B 84 -15.69 -16.10 -5.72
CA ALA B 84 -15.86 -15.89 -7.16
C ALA B 84 -14.73 -16.54 -7.94
N ALA B 85 -13.54 -16.63 -7.36
CA ALA B 85 -12.38 -17.27 -7.98
C ALA B 85 -12.30 -18.77 -7.69
N GLY B 86 -13.28 -19.34 -7.00
CA GLY B 86 -13.22 -20.74 -6.64
C GLY B 86 -12.16 -21.07 -5.62
N ARG B 87 -11.60 -20.06 -4.95
CA ARG B 87 -10.55 -20.23 -3.95
C ARG B 87 -11.15 -20.27 -2.54
N THR B 88 -12.07 -21.21 -2.36
CA THR B 88 -12.70 -21.47 -1.06
C THR B 88 -11.73 -22.10 -0.06
N ASP B 89 -10.50 -22.37 -0.47
CA ASP B 89 -9.48 -22.93 0.41
C ASP B 89 -8.79 -21.86 1.25
N ILE B 90 -8.87 -20.61 0.85
CA ILE B 90 -8.13 -19.52 1.51
C ILE B 90 -8.87 -19.10 2.78
N TYR B 91 -8.14 -19.01 3.87
CA TYR B 91 -8.70 -18.58 5.14
C TYR B 91 -8.69 -17.07 5.27
N ILE B 92 -9.82 -16.51 5.70
CA ILE B 92 -10.01 -15.07 5.85
C ILE B 92 -10.08 -14.73 7.34
N PHE B 93 -9.35 -13.67 7.74
CA PHE B 93 -9.33 -13.22 9.10
C PHE B 93 -9.47 -11.72 9.12
N GLY B 94 -9.94 -11.18 10.25
CA GLY B 94 -9.98 -9.72 10.36
C GLY B 94 -10.20 -9.27 11.78
N PHE B 95 -10.01 -7.95 12.00
CA PHE B 95 -10.37 -7.31 13.27
C PHE B 95 -11.01 -5.95 13.04
N ASP B 96 -12.16 -5.71 13.67
CA ASP B 96 -13.00 -4.55 13.36
C ASP B 96 -12.96 -3.44 14.40
N GLY B 97 -12.22 -3.62 15.48
CA GLY B 97 -12.17 -2.64 16.53
C GLY B 97 -13.42 -2.66 17.39
N ALA B 98 -13.63 -1.56 18.09
CA ALA B 98 -14.92 -1.26 18.70
C ALA B 98 -15.76 -2.41 19.22
N MET B 116 2.24 8.66 18.97
CA MET B 116 1.57 8.16 20.17
C MET B 116 2.48 7.25 21.01
N VAL B 117 2.57 7.54 22.31
CA VAL B 117 3.34 6.74 23.25
C VAL B 117 2.42 5.71 23.88
N GLY B 118 2.87 4.48 23.96
CA GLY B 118 2.02 3.42 24.43
C GLY B 118 1.14 2.89 23.32
N HIS B 119 0.19 2.06 23.73
CA HIS B 119 -0.64 1.38 22.77
C HIS B 119 -2.11 1.52 23.17
N ASN B 120 -2.94 1.23 22.17
CA ASN B 120 -4.37 1.41 22.28
CA ASN B 120 -4.38 1.41 22.29
C ASN B 120 -5.10 0.16 21.82
N HIS B 121 -6.43 0.34 21.85
N HIS B 121 -6.44 0.20 21.85
N HIS B 121 -6.45 0.23 21.79
CA HIS B 121 -7.39 -0.70 21.55
CA HIS B 121 -7.22 -1.00 21.59
CA HIS B 121 -7.23 -0.97 21.58
C HIS B 121 -7.11 -1.43 20.22
C HIS B 121 -7.02 -1.54 20.17
C HIS B 121 -7.03 -1.52 20.17
N ASN B 122 -6.80 -0.66 19.18
CA ASN B 122 -6.62 -1.19 17.83
C ASN B 122 -5.31 -1.97 17.75
N TYR B 123 -4.28 -1.51 18.46
CA TYR B 123 -3.02 -2.24 18.45
C TYR B 123 -3.16 -3.56 19.19
N TYR B 124 -3.72 -3.54 20.39
CA TYR B 124 -3.85 -4.75 21.18
C TYR B 124 -4.78 -5.74 20.50
N GLY B 125 -5.83 -5.24 19.85
CA GLY B 125 -6.67 -6.12 19.06
C GLY B 125 -5.92 -6.76 17.92
N GLY B 126 -5.02 -6.02 17.28
CA GLY B 126 -4.19 -6.64 16.25
C GLY B 126 -3.24 -7.68 16.81
N VAL B 127 -2.71 -7.44 18.01
CA VAL B 127 -1.85 -8.44 18.66
C VAL B 127 -2.62 -9.74 18.84
N LEU B 128 -3.80 -9.66 19.47
CA LEU B 128 -4.55 -10.87 19.77
C LEU B 128 -5.03 -11.54 18.48
N ALA B 129 -5.41 -10.74 17.48
CA ALA B 129 -5.76 -11.32 16.18
C ALA B 129 -4.56 -12.03 15.57
N GLY B 130 -3.36 -11.43 15.68
CA GLY B 130 -2.19 -12.08 15.16
C GLY B 130 -1.85 -13.38 15.87
N GLU B 131 -2.01 -13.43 17.19
CA GLU B 131 -1.80 -14.68 17.91
C GLU B 131 -2.73 -15.77 17.38
N TYR B 132 -4.00 -15.43 17.17
CA TYR B 132 -4.96 -16.40 16.66
C TYR B 132 -4.60 -16.83 15.25
N PHE B 133 -4.22 -15.88 14.41
CA PHE B 133 -3.84 -16.18 13.02
C PHE B 133 -2.70 -17.19 13.00
N VAL B 134 -1.66 -16.96 13.80
CA VAL B 134 -0.52 -17.88 13.86
C VAL B 134 -0.95 -19.25 14.38
N LYS B 135 -1.67 -19.27 15.50
CA LYS B 135 -2.07 -20.55 16.10
C LYS B 135 -2.92 -21.35 15.11
N PHE B 136 -3.92 -20.70 14.50
CA PHE B 136 -4.81 -21.40 13.57
C PHE B 136 -4.03 -21.97 12.38
N LEU B 137 -3.20 -21.13 11.76
CA LEU B 137 -2.52 -21.53 10.53
C LEU B 137 -1.37 -22.50 10.79
N LYS B 138 -0.72 -22.43 11.96
CA LYS B 138 0.31 -23.44 12.25
C LYS B 138 -0.32 -24.81 12.48
N GLU B 139 -1.54 -24.85 13.00
CA GLU B 139 -2.25 -26.12 13.14
CA GLU B 139 -2.22 -26.13 13.14
C GLU B 139 -2.63 -26.69 11.78
N LYS B 140 -3.09 -25.81 10.87
CA LYS B 140 -3.53 -26.29 9.56
C LYS B 140 -2.35 -26.66 8.67
N TYR B 141 -1.26 -25.90 8.78
CA TYR B 141 -0.08 -26.01 7.91
C TYR B 141 1.17 -26.13 8.76
N PRO B 142 1.32 -27.24 9.50
CA PRO B 142 2.55 -27.45 10.26
C PRO B 142 3.71 -27.80 9.35
N ASP B 143 4.91 -27.74 9.89
CA ASP B 143 6.10 -28.04 9.08
C ASP B 143 6.14 -29.49 8.60
C1 EDO C . 18.47 12.63 0.51
O1 EDO C . 17.66 13.81 0.67
C2 EDO C . 18.55 11.85 1.83
O2 EDO C . 18.83 10.48 1.57
H11 EDO C . 19.47 12.91 0.19
H12 EDO C . 18.04 11.98 -0.26
HO1 EDO C . 17.55 14.22 -0.19
H21 EDO C . 17.61 11.94 2.37
H22 EDO C . 19.34 12.28 2.45
HO2 EDO C . 18.94 10.00 2.41
C1 EDO D . -5.72 13.20 5.00
O1 EDO D . -5.91 12.11 4.07
C2 EDO D . -5.78 12.75 6.46
O2 EDO D . -4.55 13.05 7.12
H11 EDO D . -6.49 13.94 4.82
H12 EDO D . -4.74 13.65 4.80
HO1 EDO D . -5.93 12.46 3.17
H21 EDO D . -5.97 11.68 6.51
H22 EDO D . -6.60 13.26 6.96
HO2 EDO D . -4.59 12.74 8.04
C1 EDO E . -0.43 10.77 13.62
O1 EDO E . 0.70 10.99 14.49
C2 EDO E . -1.74 10.92 14.36
O2 EDO E . -2.84 10.51 13.52
H11 EDO E . -0.36 9.77 13.19
H12 EDO E . -0.38 11.48 12.80
HO1 EDO E . 1.52 10.86 13.98
H21 EDO E . -1.89 11.95 14.67
H22 EDO E . -1.73 10.29 15.26
HO2 EDO E . -3.67 10.65 13.99
C1 EDO F . -5.16 -14.50 20.87
O1 EDO F . -4.51 -15.22 21.93
C2 EDO F . -6.69 -14.68 20.88
O2 EDO F . -7.32 -13.90 19.85
H11 EDO F . -4.78 -14.85 19.91
H12 EDO F . -4.93 -13.44 20.95
HO1 EDO F . -3.55 -15.08 21.87
H21 EDO F . -7.08 -14.38 21.85
H22 EDO F . -6.93 -15.73 20.74
HO2 EDO F . -8.20 -14.25 19.67
C1 EDO G . -19.52 -3.77 4.37
O1 EDO G . -20.62 -3.40 3.56
C2 EDO G . -19.96 -4.42 5.68
O2 EDO G . -20.82 -5.52 5.40
H11 EDO G . -18.92 -2.89 4.60
H12 EDO G . -18.89 -4.48 3.83
HO1 EDO G . -20.32 -3.19 2.66
H21 EDO G . -20.48 -3.69 6.31
H22 EDO G . -19.08 -4.76 6.24
HO2 EDO G . -21.19 -5.86 6.23
C1 EDO H . 2.96 3.58 11.78
O1 EDO H . 3.05 2.35 11.04
C2 EDO H . 2.51 3.35 13.23
O2 EDO H . 2.14 4.57 13.89
H11 EDO H . 2.25 4.25 11.29
H12 EDO H . 3.94 4.07 11.79
HO1 EDO H . 3.22 2.55 10.11
H21 EDO H . 3.32 2.87 13.78
H22 EDO H . 1.65 2.67 13.23
HO2 EDO H . 2.02 4.40 14.84
C1 EDO I . 0.65 -7.59 -6.35
O1 EDO I . 1.97 -8.01 -5.96
C2 EDO I . -0.26 -7.66 -5.12
O2 EDO I . -0.38 -6.39 -4.45
H11 EDO I . 0.26 -8.25 -7.13
H12 EDO I . 0.67 -6.57 -6.73
HO1 EDO I . 2.56 -7.92 -6.73
H21 EDO I . 0.14 -8.40 -4.42
H22 EDO I . -1.25 -7.99 -5.43
HO2 EDO I . -0.97 -6.50 -3.68
C1 EDO J . -19.41 -0.06 0.47
O1 EDO J . -18.54 -1.13 0.09
C2 EDO J . -20.48 -0.55 1.44
O2 EDO J . -20.99 0.57 2.17
H11 EDO J . -19.89 0.36 -0.42
H12 EDO J . -18.83 0.74 0.94
HO1 EDO J . -17.91 -0.81 -0.57
H21 EDO J . -20.05 -1.28 2.13
H22 EDO J . -21.28 -1.04 0.90
HO2 EDO J . -21.65 0.27 2.81
C1 EDO K . 4.05 -17.82 -7.97
O1 EDO K . 4.82 -18.63 -8.88
C2 EDO K . 4.18 -16.33 -8.29
O2 EDO K . 3.27 -15.53 -7.49
H11 EDO K . 4.40 -18.00 -6.95
H12 EDO K . 3.00 -18.12 -8.02
HO1 EDO K . 4.73 -19.56 -8.65
H21 EDO K . 3.95 -16.18 -9.35
H22 EDO K . 5.20 -16.01 -8.11
HO2 EDO K . 3.43 -14.60 -7.68
#